data_7YXK
#
_entry.id   7YXK
#
_cell.length_a   55.384
_cell.length_b   64.568
_cell.length_c   99.559
_cell.angle_alpha   90.000
_cell.angle_beta   100.970
_cell.angle_gamma   90.000
#
_symmetry.space_group_name_H-M   'P 1 21 1'
#
loop_
_entity.id
_entity.type
_entity.pdbx_description
1 polymer GH14974p
2 non-polymer 'MANGANESE (II) ION'
3 non-polymer '(2~{R})-2-(carboxycarbonylamino)propanoic acid'
4 non-polymer 1,2-ETHANEDIOL
5 non-polymer 'ACETATE ION'
6 water water
#
_entity_poly.entity_id   1
_entity_poly.type   'polypeptide(L)'
_entity_poly.pdbx_seq_one_letter_code
;GSHMASMSEVERALDVLLQEAEEL(CSO)IGSSVVELDRIPTALEFCREFYSKNQPVVIRKALNWPAIGKWTPKYLIEAL
GDRSVDVAITPNGYADGLATQNGQEYFVLPLETKMKLSEVVRRLDDPTGAVHYIQKQNSNLSVDLPELAADLRVSDLDFA
QQSFNKPPDAVNFWLGDERAVTSMHKDPYENVYCVISGHKDFVLIPPHQLSCVPRGIYPTGVYKTSDSGQFYIEPLRDEE
GSDQFTEWVSVDPLSPDLAKYPEYARAKPLKVRVHAGDILYLPNYWFHHVSQSHKCIAVNFWYDLDYDSRYCYYRMLEQM
TSARSG
;
_entity_poly.pdbx_strand_id   A,B
#
# COMPACT_ATOMS: atom_id res chain seq x y z
N MET A 7 12.21 -7.78 25.50
CA MET A 7 12.53 -7.12 24.20
C MET A 7 12.67 -5.62 24.36
N SER A 8 13.36 -4.98 23.43
CA SER A 8 13.38 -3.54 23.37
C SER A 8 12.10 -3.04 22.69
N GLU A 9 11.86 -1.73 22.79
CA GLU A 9 10.68 -1.15 22.14
C GLU A 9 10.66 -1.48 20.66
N VAL A 10 11.78 -1.22 19.97
CA VAL A 10 11.86 -1.43 18.53
C VAL A 10 11.66 -2.90 18.19
N GLU A 11 12.29 -3.79 18.94
CA GLU A 11 12.13 -5.22 18.68
C GLU A 11 10.67 -5.64 18.79
N ARG A 12 9.97 -5.12 19.81
CA ARG A 12 8.55 -5.44 19.96
C ARG A 12 7.74 -4.89 18.79
N ALA A 13 8.10 -3.70 18.31
CA ALA A 13 7.45 -3.17 17.12
C ALA A 13 7.61 -4.11 15.94
N LEU A 14 8.85 -4.52 15.66
CA LEU A 14 9.11 -5.45 14.56
C LEU A 14 8.34 -6.75 14.76
N ASP A 15 8.27 -7.23 16.00
CA ASP A 15 7.57 -8.48 16.29
C ASP A 15 6.10 -8.34 15.95
N VAL A 16 5.49 -7.20 16.27
CA VAL A 16 4.11 -6.96 15.89
C VAL A 16 3.96 -6.97 14.37
N LEU A 17 4.83 -6.23 13.68
CA LEU A 17 4.74 -6.20 12.21
C LEU A 17 4.72 -7.61 11.64
N LEU A 18 5.71 -8.41 12.04
CA LEU A 18 5.84 -9.76 11.49
C LEU A 18 4.66 -10.64 11.91
N GLN A 19 4.20 -10.53 13.16
CA GLN A 19 3.11 -11.38 13.60
C GLN A 19 1.83 -11.06 12.85
N GLU A 20 1.52 -9.77 12.67
CA GLU A 20 0.36 -9.38 11.87
C GLU A 20 0.48 -9.94 10.45
N ALA A 21 1.60 -9.68 9.78
CA ALA A 21 1.76 -10.12 8.40
C ALA A 21 1.65 -11.63 8.28
N GLU A 22 2.23 -12.36 9.25
CA GLU A 22 2.12 -13.81 9.26
C GLU A 22 0.67 -14.25 9.37
N GLU A 23 -0.05 -13.74 10.37
CA GLU A 23 -1.45 -14.14 10.56
C GLU A 23 -2.28 -13.83 9.33
N LEU A 24 -1.98 -12.74 8.63
CA LEU A 24 -2.79 -12.31 7.50
C LEU A 24 -2.32 -12.80 6.13
N ILE A 26 0.33 -12.09 4.36
CA ILE A 26 0.84 -11.01 3.53
C ILE A 26 2.13 -11.46 2.86
N GLY A 27 2.17 -11.42 1.52
CA GLY A 27 3.34 -11.87 0.79
C GLY A 27 3.73 -13.30 1.09
N SER A 28 2.76 -14.17 1.36
CA SER A 28 3.05 -15.53 1.80
C SER A 28 3.16 -16.53 0.65
N SER A 29 2.81 -16.12 -0.57
CA SER A 29 2.91 -17.00 -1.72
C SER A 29 2.96 -16.15 -2.98
N VAL A 30 3.42 -16.76 -4.06
CA VAL A 30 3.26 -16.19 -5.40
C VAL A 30 1.96 -16.73 -5.97
N VAL A 31 1.03 -15.85 -6.30
CA VAL A 31 -0.20 -16.29 -6.94
C VAL A 31 0.12 -16.90 -8.29
N GLU A 32 -0.67 -17.89 -8.69
CA GLU A 32 -0.44 -18.61 -9.93
C GLU A 32 -1.72 -18.58 -10.75
N LEU A 33 -1.63 -17.99 -11.95
CA LEU A 33 -2.77 -17.86 -12.84
C LEU A 33 -2.50 -18.58 -14.15
N ASP A 34 -3.54 -19.26 -14.66
CA ASP A 34 -3.51 -19.88 -15.98
C ASP A 34 -4.10 -19.01 -17.07
N ARG A 35 -4.83 -17.96 -16.71
CA ARG A 35 -5.41 -17.02 -17.67
C ARG A 35 -5.01 -15.61 -17.27
N ILE A 36 -4.76 -14.77 -18.27
CA ILE A 36 -4.28 -13.41 -18.03
C ILE A 36 -5.41 -12.60 -17.39
N PRO A 37 -5.12 -11.83 -16.35
CA PRO A 37 -6.18 -11.04 -15.71
C PRO A 37 -6.56 -9.81 -16.53
N THR A 38 -7.72 -9.26 -16.20
CA THR A 38 -8.09 -7.96 -16.73
C THR A 38 -7.24 -6.88 -16.07
N ALA A 39 -7.20 -5.70 -16.70
CA ALA A 39 -6.42 -4.60 -16.12
C ALA A 39 -6.93 -4.26 -14.72
N LEU A 40 -8.24 -4.36 -14.50
CA LEU A 40 -8.80 -4.02 -13.19
C LEU A 40 -8.50 -5.11 -12.17
N GLU A 41 -8.67 -6.37 -12.56
CA GLU A 41 -8.29 -7.48 -11.69
C GLU A 41 -6.83 -7.36 -11.29
N PHE A 42 -5.96 -7.11 -12.26
CA PHE A 42 -4.55 -6.97 -11.95
C PHE A 42 -4.32 -5.82 -10.98
N CYS A 43 -4.95 -4.68 -11.23
CA CYS A 43 -4.77 -3.53 -10.36
C CYS A 43 -5.21 -3.85 -8.94
N ARG A 44 -6.32 -4.54 -8.78
CA ARG A 44 -6.94 -4.73 -7.48
C ARG A 44 -6.29 -5.87 -6.69
N GLU A 45 -5.89 -6.93 -7.37
CA GLU A 45 -5.39 -8.11 -6.65
C GLU A 45 -3.88 -8.11 -6.50
N PHE A 46 -3.14 -7.50 -7.40
CA PHE A 46 -1.69 -7.60 -7.36
C PHE A 46 -0.97 -6.27 -7.24
N TYR A 47 -1.22 -5.33 -8.14
CA TYR A 47 -0.51 -4.05 -8.05
C TYR A 47 -0.79 -3.37 -6.71
N SER A 48 -2.07 -3.25 -6.34
CA SER A 48 -2.44 -2.48 -5.17
C SER A 48 -2.14 -3.20 -3.85
N LYS A 49 -2.01 -4.52 -3.87
CA LYS A 49 -1.56 -5.27 -2.71
C LYS A 49 -0.05 -5.46 -2.70
N ASN A 50 0.66 -5.01 -3.74
CA ASN A 50 2.11 -5.20 -3.84
C ASN A 50 2.45 -6.69 -3.76
N GLN A 51 1.70 -7.48 -4.52
CA GLN A 51 1.68 -8.92 -4.42
C GLN A 51 2.13 -9.57 -5.72
N PRO A 52 3.11 -10.48 -5.67
CA PRO A 52 3.55 -11.12 -6.92
C PRO A 52 2.52 -12.06 -7.51
N VAL A 53 2.57 -12.19 -8.84
CA VAL A 53 1.77 -13.17 -9.55
C VAL A 53 2.56 -13.69 -10.75
N VAL A 54 2.45 -14.99 -11.00
CA VAL A 54 3.02 -15.63 -12.18
C VAL A 54 1.86 -16.16 -13.01
N ILE A 55 1.90 -15.89 -14.31
CA ILE A 55 0.88 -16.31 -15.27
C ILE A 55 1.53 -17.28 -16.23
N ARG A 56 0.99 -18.49 -16.29
CA ARG A 56 1.59 -19.57 -17.05
C ARG A 56 1.13 -19.56 -18.50
N LYS A 57 2.07 -19.84 -19.40
CA LYS A 57 1.82 -19.90 -20.84
C LYS A 57 0.94 -18.73 -21.28
N ALA A 58 1.36 -17.53 -20.87
CA ALA A 58 0.59 -16.32 -21.08
C ALA A 58 0.86 -15.66 -22.42
N LEU A 59 2.05 -15.87 -22.98
CA LEU A 59 2.49 -15.14 -24.16
C LEU A 59 2.67 -16.09 -25.34
N ASN A 60 2.24 -15.63 -26.50
CA ASN A 60 2.38 -16.36 -27.75
C ASN A 60 3.28 -15.64 -28.74
N TRP A 61 4.10 -14.74 -28.23
CA TRP A 61 5.09 -14.04 -29.02
C TRP A 61 5.88 -15.02 -29.90
N PRO A 62 6.10 -14.68 -31.18
CA PRO A 62 6.94 -15.56 -32.02
C PRO A 62 8.30 -15.84 -31.41
N ALA A 63 8.82 -14.92 -30.61
CA ALA A 63 10.10 -15.13 -29.96
C ALA A 63 10.08 -16.36 -29.06
N ILE A 64 8.95 -16.59 -28.40
CA ILE A 64 8.79 -17.77 -27.55
C ILE A 64 8.72 -18.95 -28.50
N GLY A 65 9.83 -19.65 -28.65
CA GLY A 65 9.93 -20.72 -29.61
C GLY A 65 11.31 -20.68 -30.24
N LYS A 66 11.59 -19.61 -30.98
CA LYS A 66 12.74 -19.61 -31.86
C LYS A 66 13.97 -18.87 -31.33
N TRP A 67 13.85 -17.95 -30.36
CA TRP A 67 15.04 -17.22 -29.94
C TRP A 67 16.02 -18.17 -29.26
N THR A 68 17.23 -18.22 -29.80
CA THR A 68 18.37 -18.91 -29.20
C THR A 68 19.58 -18.06 -29.52
N PRO A 69 20.73 -18.32 -28.93
CA PRO A 69 21.96 -17.68 -29.44
C PRO A 69 22.18 -17.91 -30.94
N LYS A 70 21.84 -19.09 -31.45
CA LYS A 70 22.03 -19.36 -32.87
C LYS A 70 21.10 -18.51 -33.73
N TYR A 71 19.78 -18.60 -33.47
CA TYR A 71 18.83 -17.77 -34.20
C TYR A 71 19.21 -16.31 -34.11
N LEU A 72 19.67 -15.87 -32.94
CA LEU A 72 20.01 -14.46 -32.76
C LEU A 72 21.22 -14.08 -33.61
N ILE A 73 22.23 -14.92 -33.69
CA ILE A 73 23.36 -14.59 -34.54
C ILE A 73 22.90 -14.49 -35.99
N GLU A 74 22.20 -15.52 -36.48
CA GLU A 74 21.78 -15.52 -37.88
C GLU A 74 20.89 -14.33 -38.21
N ALA A 75 20.07 -13.88 -37.24
CA ALA A 75 19.13 -12.80 -37.49
C ALA A 75 19.78 -11.43 -37.34
N LEU A 76 20.62 -11.26 -36.32
CA LEU A 76 21.22 -9.97 -36.01
C LEU A 76 22.48 -9.70 -36.80
N GLY A 77 23.10 -10.72 -37.37
CA GLY A 77 24.32 -10.54 -38.13
C GLY A 77 25.56 -10.33 -37.29
N ASP A 78 25.80 -11.22 -36.34
CA ASP A 78 27.02 -11.24 -35.53
C ASP A 78 27.48 -9.83 -35.15
N ARG A 79 26.55 -9.06 -34.57
CA ARG A 79 26.89 -7.76 -34.04
C ARG A 79 27.78 -7.90 -32.81
N SER A 80 28.53 -6.83 -32.54
CA SER A 80 29.33 -6.70 -31.34
C SER A 80 28.45 -6.18 -30.21
N VAL A 81 28.45 -6.87 -29.07
CA VAL A 81 27.58 -6.50 -27.96
C VAL A 81 28.40 -6.36 -26.68
N ASP A 82 27.79 -5.69 -25.70
CA ASP A 82 28.38 -5.56 -24.38
C ASP A 82 28.08 -6.82 -23.56
N VAL A 83 29.13 -7.43 -23.01
CA VAL A 83 28.97 -8.61 -22.18
C VAL A 83 29.59 -8.35 -20.82
N ALA A 84 29.00 -8.98 -19.80
CA ALA A 84 29.46 -8.90 -18.42
C ALA A 84 30.09 -10.23 -18.04
N ILE A 85 31.24 -10.18 -17.39
CA ILE A 85 32.06 -11.35 -17.12
C ILE A 85 32.50 -11.34 -15.66
N THR A 86 32.45 -12.51 -15.05
CA THR A 86 32.97 -12.69 -13.69
C THR A 86 33.69 -14.02 -13.59
N PRO A 87 34.59 -14.16 -12.60
CA PRO A 87 35.18 -15.48 -12.34
C PRO A 87 34.26 -16.42 -11.58
N ASN A 88 33.34 -15.86 -10.77
CA ASN A 88 32.55 -16.67 -9.85
C ASN A 88 31.09 -16.82 -10.25
N GLY A 89 30.64 -16.10 -11.27
CA GLY A 89 29.22 -16.13 -11.61
C GLY A 89 28.35 -15.24 -10.75
N TYR A 90 28.95 -14.28 -10.04
CA TYR A 90 28.22 -13.36 -9.17
C TYR A 90 28.56 -11.93 -9.54
N ALA A 91 27.96 -11.43 -10.62
CA ALA A 91 28.01 -10.01 -10.92
C ALA A 91 27.10 -9.26 -9.96
N ASP A 92 27.56 -8.09 -9.50
CA ASP A 92 26.89 -7.38 -8.43
C ASP A 92 26.67 -8.32 -7.23
N GLY A 93 27.75 -8.94 -6.80
CA GLY A 93 27.66 -9.94 -5.75
C GLY A 93 28.89 -9.90 -4.89
N LEU A 94 28.80 -10.55 -3.74
CA LEU A 94 29.90 -10.50 -2.78
C LEU A 94 30.97 -11.52 -3.13
N ALA A 95 32.22 -11.11 -2.94
CA ALA A 95 33.38 -11.96 -3.22
C ALA A 95 34.52 -11.48 -2.33
N THR A 96 35.37 -12.40 -1.89
CA THR A 96 36.50 -12.02 -1.05
C THR A 96 37.81 -12.09 -1.82
N GLN A 97 38.75 -11.27 -1.39
CA GLN A 97 40.09 -11.17 -1.94
C GLN A 97 41.02 -10.68 -0.85
N ASN A 98 42.10 -11.42 -0.61
CA ASN A 98 43.11 -11.04 0.37
C ASN A 98 42.51 -10.82 1.76
N GLY A 99 41.47 -11.58 2.08
CA GLY A 99 40.84 -11.55 3.38
C GLY A 99 39.78 -10.50 3.55
N GLN A 100 39.51 -9.72 2.51
CA GLN A 100 38.50 -8.67 2.56
C GLN A 100 37.33 -9.08 1.69
N GLU A 101 36.12 -8.85 2.20
CA GLU A 101 34.90 -9.08 1.44
C GLU A 101 34.54 -7.80 0.69
N TYR A 102 34.17 -7.95 -0.57
CA TYR A 102 33.84 -6.83 -1.46
C TYR A 102 32.47 -7.11 -2.07
N PHE A 103 31.75 -6.03 -2.39
CA PHE A 103 30.65 -6.09 -3.35
C PHE A 103 31.24 -5.78 -4.73
N VAL A 104 31.06 -6.68 -5.69
CA VAL A 104 31.81 -6.61 -6.92
C VAL A 104 30.86 -6.53 -8.11
N LEU A 105 31.18 -5.59 -9.06
CA LEU A 105 30.60 -5.29 -10.35
C LEU A 105 31.27 -6.15 -11.41
N PRO A 106 30.52 -6.55 -12.43
CA PRO A 106 31.12 -7.38 -13.47
C PRO A 106 32.22 -6.62 -14.20
N LEU A 107 33.15 -7.37 -14.77
CA LEU A 107 33.96 -6.83 -15.85
C LEU A 107 33.07 -6.65 -17.07
N GLU A 108 33.04 -5.44 -17.62
CA GLU A 108 32.22 -5.14 -18.78
C GLU A 108 33.13 -4.97 -19.99
N THR A 109 32.87 -5.75 -21.04
CA THR A 109 33.70 -5.72 -22.23
C THR A 109 32.78 -5.78 -23.45
N LYS A 110 33.35 -5.51 -24.61
CA LYS A 110 32.65 -5.63 -25.88
C LYS A 110 33.18 -6.85 -26.61
N MET A 111 32.28 -7.68 -27.13
CA MET A 111 32.72 -8.81 -27.95
C MET A 111 31.55 -9.26 -28.83
N LYS A 112 31.90 -10.00 -29.88
CA LYS A 112 30.92 -10.41 -30.88
C LYS A 112 30.05 -11.55 -30.37
N LEU A 113 28.80 -11.56 -30.85
CA LEU A 113 27.87 -12.60 -30.44
C LEU A 113 28.50 -13.99 -30.57
N SER A 114 29.16 -14.26 -31.69
CA SER A 114 29.72 -15.59 -31.90
C SER A 114 30.79 -15.91 -30.86
N GLU A 115 31.52 -14.90 -30.41
CA GLU A 115 32.46 -15.10 -29.31
C GLU A 115 31.74 -15.40 -28.01
N VAL A 116 30.63 -14.71 -27.74
CA VAL A 116 29.89 -14.99 -26.51
C VAL A 116 29.30 -16.40 -26.56
N VAL A 117 28.76 -16.80 -27.70
CA VAL A 117 28.24 -18.16 -27.85
C VAL A 117 29.37 -19.17 -27.65
N ARG A 118 30.57 -18.86 -28.15
CA ARG A 118 31.71 -19.73 -27.97
C ARG A 118 32.12 -19.82 -26.51
N ARG A 119 32.11 -18.68 -25.80
CA ARG A 119 32.47 -18.65 -24.39
C ARG A 119 31.40 -19.29 -23.51
N LEU A 120 30.13 -19.21 -23.92
CA LEU A 120 29.03 -19.91 -23.27
C LEU A 120 29.13 -21.41 -23.42
N ASP A 121 29.98 -21.89 -24.33
CA ASP A 121 30.23 -23.31 -24.54
C ASP A 121 31.57 -23.75 -23.94
N ASP A 122 32.25 -22.84 -23.23
CA ASP A 122 33.49 -23.11 -22.52
C ASP A 122 33.17 -23.20 -21.04
N PRO A 123 33.00 -24.42 -20.51
CA PRO A 123 32.72 -24.52 -19.06
C PRO A 123 33.92 -24.14 -18.22
N THR A 124 35.13 -24.32 -18.74
CA THR A 124 36.32 -23.95 -18.02
C THR A 124 36.55 -22.45 -17.99
N GLY A 125 35.83 -21.68 -18.82
CA GLY A 125 36.03 -20.26 -18.89
C GLY A 125 35.29 -19.51 -17.80
N ALA A 126 35.44 -18.18 -17.86
CA ALA A 126 34.73 -17.31 -16.94
C ALA A 126 33.25 -17.29 -17.29
N VAL A 127 32.46 -16.79 -16.35
CA VAL A 127 31.02 -16.70 -16.51
C VAL A 127 30.69 -15.44 -17.32
N HIS A 128 29.86 -15.61 -18.33
CA HIS A 128 29.48 -14.57 -19.28
C HIS A 128 27.97 -14.43 -19.27
N TYR A 129 27.50 -13.19 -19.38
CA TYR A 129 26.09 -12.96 -19.63
C TYR A 129 25.95 -11.61 -20.31
N ILE A 130 24.99 -11.51 -21.22
CA ILE A 130 24.64 -10.28 -21.89
C ILE A 130 23.43 -9.68 -21.21
N GLN A 131 23.53 -8.38 -20.90
CA GLN A 131 22.41 -7.52 -20.56
C GLN A 131 22.39 -6.39 -21.58
N LYS A 132 21.24 -6.17 -22.21
CA LYS A 132 21.04 -5.02 -23.09
C LYS A 132 19.92 -4.18 -22.52
N GLN A 133 20.16 -2.89 -22.33
CA GLN A 133 19.18 -1.97 -21.76
C GLN A 133 18.57 -1.16 -22.89
N ASN A 134 17.30 -1.44 -23.19
CA ASN A 134 16.55 -0.78 -24.25
C ASN A 134 17.06 -1.19 -25.63
N SER A 135 16.59 -0.52 -26.67
CA SER A 135 16.96 -0.89 -28.03
C SER A 135 16.83 0.27 -29.00
N ASP A 140 14.07 -1.69 -30.59
CA ASP A 140 13.58 -1.26 -31.89
C ASP A 140 14.46 -1.79 -33.02
N LEU A 141 14.56 -3.12 -33.13
CA LEU A 141 15.36 -3.77 -34.17
C LEU A 141 14.44 -4.43 -35.18
N PRO A 142 14.54 -4.09 -36.47
CA PRO A 142 13.62 -4.69 -37.46
C PRO A 142 13.37 -6.18 -37.30
N GLU A 143 14.44 -6.99 -37.22
CA GLU A 143 14.24 -8.43 -37.19
C GLU A 143 13.66 -8.90 -35.86
N LEU A 144 13.99 -8.25 -34.74
CA LEU A 144 13.62 -8.79 -33.44
C LEU A 144 12.45 -8.09 -32.76
N ALA A 145 12.18 -6.82 -33.06
CA ALA A 145 10.99 -6.16 -32.50
C ALA A 145 9.73 -6.72 -33.12
N ALA A 146 9.88 -7.42 -34.24
CA ALA A 146 8.78 -8.09 -34.92
C ALA A 146 8.32 -9.33 -34.17
N ASP A 147 9.17 -9.90 -33.31
CA ASP A 147 8.89 -11.17 -32.65
C ASP A 147 8.18 -10.99 -31.31
N LEU A 148 7.99 -9.76 -30.86
CA LEU A 148 7.28 -9.50 -29.62
C LEU A 148 6.09 -8.60 -29.87
N ARG A 149 5.20 -8.54 -28.89
CA ARG A 149 4.06 -7.61 -28.93
C ARG A 149 3.84 -7.08 -27.50
N VAL A 150 4.41 -5.90 -27.23
CA VAL A 150 4.42 -5.37 -25.88
C VAL A 150 3.03 -4.98 -25.41
N SER A 151 2.12 -4.64 -26.33
CA SER A 151 0.76 -4.32 -25.93
C SER A 151 0.12 -5.46 -25.16
N ASP A 152 0.61 -6.69 -25.34
CA ASP A 152 0.11 -7.84 -24.61
C ASP A 152 0.26 -7.69 -23.11
N LEU A 153 1.13 -6.78 -22.66
CA LEU A 153 1.37 -6.56 -21.24
C LEU A 153 0.54 -5.42 -20.66
N ASP A 154 -0.36 -4.84 -21.47
CA ASP A 154 -1.12 -3.70 -21.01
C ASP A 154 -1.90 -4.00 -19.73
N PHE A 155 -2.36 -5.25 -19.56
CA PHE A 155 -3.12 -5.60 -18.37
C PHE A 155 -2.40 -5.18 -17.10
N ALA A 156 -1.07 -5.14 -17.12
CA ALA A 156 -0.28 -4.64 -16.01
C ALA A 156 0.17 -3.21 -16.22
N GLN A 157 0.49 -2.84 -17.46
CA GLN A 157 1.02 -1.50 -17.72
C GLN A 157 0.01 -0.44 -17.32
N GLN A 158 -1.29 -0.73 -17.44
CA GLN A 158 -2.31 0.26 -17.11
C GLN A 158 -2.35 0.54 -15.62
N SER A 159 -1.88 -0.38 -14.76
CA SER A 159 -1.75 -0.03 -13.35
C SER A 159 -0.61 0.95 -13.12
N PHE A 160 0.43 0.88 -13.95
CA PHE A 160 1.58 1.76 -13.81
C PHE A 160 1.40 3.05 -14.57
N ASN A 161 0.60 3.01 -15.63
CA ASN A 161 0.18 4.19 -16.37
C ASN A 161 1.36 5.03 -16.81
N LYS A 162 2.42 4.37 -17.25
CA LYS A 162 3.61 5.07 -17.72
C LYS A 162 4.36 4.15 -18.66
N PRO A 163 5.26 4.70 -19.47
CA PRO A 163 6.11 3.86 -20.32
C PRO A 163 7.17 3.17 -19.48
N PRO A 164 7.67 2.03 -19.93
CA PRO A 164 8.78 1.42 -19.18
C PRO A 164 9.98 2.36 -19.09
N ASP A 165 10.60 2.35 -17.91
CA ASP A 165 11.84 3.10 -17.72
C ASP A 165 12.96 2.42 -18.48
N ALA A 166 12.91 1.09 -18.51
CA ALA A 166 13.94 0.30 -19.17
C ALA A 166 13.33 -1.02 -19.58
N VAL A 167 13.85 -1.54 -20.68
CA VAL A 167 13.52 -2.85 -21.20
C VAL A 167 14.83 -3.60 -21.33
N ASN A 168 15.04 -4.61 -20.49
CA ASN A 168 16.29 -5.36 -20.48
C ASN A 168 16.12 -6.69 -21.20
N PHE A 169 17.08 -6.98 -22.09
CA PHE A 169 17.24 -8.28 -22.72
C PHE A 169 18.38 -9.01 -22.03
N TRP A 170 18.14 -10.26 -21.61
N TRP A 170 18.14 -10.28 -21.69
CA TRP A 170 19.09 -11.04 -20.84
CA TRP A 170 19.07 -11.04 -20.86
C TRP A 170 19.37 -12.36 -21.54
C TRP A 170 19.37 -12.38 -21.53
N LEU A 171 20.64 -12.65 -21.77
CA LEU A 171 21.07 -13.97 -22.24
C LEU A 171 22.31 -14.37 -21.47
N GLY A 172 22.28 -15.52 -20.80
CA GLY A 172 23.42 -15.80 -19.96
C GLY A 172 23.69 -17.27 -19.69
N ASP A 173 24.78 -17.48 -18.95
CA ASP A 173 25.25 -18.79 -18.56
C ASP A 173 24.48 -19.29 -17.35
N GLU A 174 24.37 -20.62 -17.25
N GLU A 174 24.39 -20.61 -17.22
CA GLU A 174 23.75 -21.26 -16.11
CA GLU A 174 23.69 -21.17 -16.08
C GLU A 174 24.39 -20.78 -14.81
C GLU A 174 24.38 -20.80 -14.77
N ARG A 175 25.69 -20.54 -14.83
CA ARG A 175 26.46 -20.20 -13.64
C ARG A 175 26.31 -18.74 -13.25
N ALA A 176 25.68 -17.92 -14.08
CA ALA A 176 25.45 -16.52 -13.75
C ALA A 176 24.29 -16.42 -12.77
N VAL A 177 24.60 -16.09 -11.52
CA VAL A 177 23.61 -16.00 -10.45
C VAL A 177 23.50 -14.55 -10.02
N THR A 178 22.28 -14.05 -9.94
CA THR A 178 22.01 -12.70 -9.47
C THR A 178 21.68 -12.77 -7.97
N SER A 179 22.58 -12.24 -7.14
CA SER A 179 22.40 -12.29 -5.69
C SER A 179 21.25 -11.40 -5.26
N MET A 180 20.81 -11.59 -4.02
CA MET A 180 19.56 -10.97 -3.57
C MET A 180 19.70 -9.47 -3.43
N HIS A 181 18.76 -8.75 -4.03
CA HIS A 181 18.73 -7.29 -4.01
C HIS A 181 17.28 -6.83 -4.19
N LYS A 182 17.09 -5.51 -4.19
CA LYS A 182 15.77 -4.92 -4.39
C LYS A 182 15.84 -3.80 -5.43
N ASP A 183 14.73 -3.61 -6.15
CA ASP A 183 14.66 -2.62 -7.21
C ASP A 183 13.53 -1.63 -6.96
N PRO A 184 13.75 -0.35 -7.30
CA PRO A 184 12.65 0.62 -7.19
C PRO A 184 11.70 0.59 -8.36
N TYR A 185 11.42 -0.60 -8.90
CA TYR A 185 10.57 -0.72 -10.08
C TYR A 185 9.50 -1.76 -9.90
N GLU A 186 8.34 -1.53 -10.53
CA GLU A 186 7.49 -2.65 -10.92
C GLU A 186 8.17 -3.40 -12.05
N ASN A 187 8.20 -4.73 -11.96
CA ASN A 187 8.92 -5.55 -12.92
C ASN A 187 7.95 -6.52 -13.56
N VAL A 188 7.86 -6.47 -14.89
CA VAL A 188 7.13 -7.47 -15.66
C VAL A 188 8.18 -8.30 -16.40
N TYR A 189 8.31 -9.55 -15.98
CA TYR A 189 9.41 -10.42 -16.39
C TYR A 189 8.90 -11.50 -17.31
N CYS A 190 9.51 -11.66 -18.48
CA CYS A 190 9.01 -12.57 -19.51
C CYS A 190 10.15 -13.46 -19.96
N VAL A 191 10.09 -14.74 -19.60
CA VAL A 191 11.09 -15.71 -20.06
C VAL A 191 10.75 -16.07 -21.50
N ILE A 192 11.71 -15.87 -22.40
CA ILE A 192 11.52 -16.25 -23.79
C ILE A 192 11.96 -17.68 -24.04
N SER A 193 13.11 -18.06 -23.46
CA SER A 193 13.64 -19.41 -23.64
C SER A 193 14.32 -19.86 -22.37
N GLY A 194 14.05 -21.10 -21.97
CA GLY A 194 14.61 -21.65 -20.76
C GLY A 194 13.71 -21.37 -19.56
N HIS A 195 14.32 -21.29 -18.38
CA HIS A 195 13.57 -21.01 -17.17
C HIS A 195 14.45 -20.21 -16.22
N LYS A 196 13.80 -19.35 -15.44
CA LYS A 196 14.44 -18.56 -14.41
C LYS A 196 13.90 -18.97 -13.05
N ASP A 197 14.79 -19.08 -12.07
CA ASP A 197 14.40 -19.45 -10.71
C ASP A 197 14.53 -18.23 -9.81
N PHE A 198 13.42 -17.83 -9.20
CA PHE A 198 13.38 -16.67 -8.32
C PHE A 198 13.21 -17.14 -6.88
N VAL A 199 13.99 -16.55 -5.98
CA VAL A 199 13.74 -16.58 -4.54
C VAL A 199 13.37 -15.16 -4.14
N LEU A 200 12.18 -15.00 -3.56
CA LEU A 200 11.60 -13.69 -3.28
C LEU A 200 11.31 -13.52 -1.79
N ILE A 201 11.51 -12.32 -1.28
CA ILE A 201 11.17 -11.99 0.10
C ILE A 201 10.44 -10.65 0.14
N PRO A 202 9.30 -10.55 0.83
CA PRO A 202 8.52 -9.32 0.76
C PRO A 202 9.21 -8.18 1.51
N PRO A 203 8.96 -6.94 1.10
CA PRO A 203 9.64 -5.81 1.75
C PRO A 203 9.47 -5.76 3.26
N HIS A 204 8.30 -6.13 3.77
CA HIS A 204 8.02 -6.00 5.20
C HIS A 204 8.82 -6.99 6.05
N GLN A 205 9.52 -7.94 5.43
CA GLN A 205 10.38 -8.88 6.15
C GLN A 205 11.82 -8.40 6.21
N LEU A 206 12.04 -7.10 6.03
CA LEU A 206 13.37 -6.52 6.03
C LEU A 206 14.16 -6.92 7.26
N SER A 207 13.53 -6.86 8.44
CA SER A 207 14.27 -7.12 9.68
C SER A 207 14.84 -8.52 9.71
N CYS A 208 14.37 -9.40 8.83
CA CYS A 208 14.89 -10.77 8.76
C CYS A 208 15.99 -10.95 7.72
N VAL A 209 16.33 -9.91 6.96
CA VAL A 209 17.29 -10.03 5.86
C VAL A 209 18.54 -9.24 6.23
N PRO A 210 19.65 -9.89 6.58
CA PRO A 210 20.85 -9.14 6.96
C PRO A 210 21.46 -8.38 5.80
N ARG A 211 21.85 -7.14 6.09
CA ARG A 211 22.58 -6.29 5.17
C ARG A 211 23.87 -5.84 5.82
N GLY A 212 24.90 -5.66 5.01
CA GLY A 212 26.15 -5.10 5.47
C GLY A 212 26.58 -3.97 4.55
N ILE A 213 27.62 -3.27 4.96
CA ILE A 213 28.23 -2.23 4.14
C ILE A 213 29.61 -2.74 3.73
N TYR A 214 29.83 -2.83 2.43
CA TYR A 214 31.01 -3.48 1.89
C TYR A 214 31.76 -2.52 0.99
N PRO A 215 33.09 -2.60 0.95
CA PRO A 215 33.82 -1.84 -0.08
C PRO A 215 33.43 -2.35 -1.46
N THR A 216 33.40 -1.44 -2.42
CA THR A 216 32.93 -1.77 -3.76
C THR A 216 34.12 -2.07 -4.65
N GLY A 217 33.95 -3.07 -5.53
CA GLY A 217 35.00 -3.46 -6.43
C GLY A 217 34.46 -3.78 -7.81
N VAL A 218 35.39 -3.95 -8.74
CA VAL A 218 35.06 -4.34 -10.11
C VAL A 218 36.09 -5.36 -10.58
N TYR A 219 35.61 -6.38 -11.27
CA TYR A 219 36.51 -7.43 -11.77
C TYR A 219 37.40 -6.88 -12.88
N LYS A 220 38.67 -7.27 -12.83
CA LYS A 220 39.64 -6.98 -13.87
C LYS A 220 40.47 -8.23 -14.10
N THR A 221 41.04 -8.35 -15.29
CA THR A 221 41.99 -9.40 -15.58
C THR A 221 43.40 -8.81 -15.66
N SER A 222 44.36 -9.53 -15.09
CA SER A 222 45.75 -9.08 -15.11
C SER A 222 46.38 -9.40 -16.46
N ASP A 223 47.65 -8.98 -16.62
CA ASP A 223 48.36 -9.22 -17.87
C ASP A 223 48.42 -10.71 -18.20
N SER A 224 48.39 -11.57 -17.18
CA SER A 224 48.51 -13.01 -17.37
C SER A 224 47.16 -13.72 -17.44
N GLY A 225 46.06 -12.98 -17.40
CA GLY A 225 44.73 -13.56 -17.53
C GLY A 225 44.03 -13.85 -16.23
N GLN A 226 44.66 -13.59 -15.08
CA GLN A 226 44.03 -13.88 -13.80
C GLN A 226 43.04 -12.78 -13.43
N PHE A 227 41.91 -13.20 -12.88
CA PHE A 227 40.92 -12.27 -12.37
C PHE A 227 41.34 -11.72 -11.00
N TYR A 228 41.02 -10.46 -10.76
CA TYR A 228 41.25 -9.83 -9.47
C TYR A 228 40.25 -8.70 -9.30
N ILE A 229 40.09 -8.28 -8.05
CA ILE A 229 39.12 -7.26 -7.68
C ILE A 229 39.87 -5.93 -7.55
N GLU A 230 39.41 -4.93 -8.30
CA GLU A 230 39.95 -3.58 -8.19
C GLU A 230 39.00 -2.76 -7.33
N PRO A 231 39.46 -2.22 -6.21
CA PRO A 231 38.59 -1.33 -5.43
C PRO A 231 38.22 -0.09 -6.22
N LEU A 232 37.00 0.38 -5.97
CA LEU A 232 36.49 1.61 -6.60
C LEU A 232 36.76 2.80 -5.69
N ARG A 233 37.27 3.88 -6.28
CA ARG A 233 37.59 5.09 -5.56
C ARG A 233 37.03 6.30 -6.28
N ASP A 234 36.90 7.41 -5.56
CA ASP A 234 36.39 8.65 -6.10
C ASP A 234 37.55 9.58 -6.46
N GLU A 235 37.23 10.86 -6.68
CA GLU A 235 38.27 11.86 -6.90
C GLU A 235 39.20 11.96 -5.69
N GLU A 236 38.61 12.01 -4.50
CA GLU A 236 39.41 12.14 -3.29
C GLU A 236 40.30 10.93 -3.05
N GLY A 237 40.02 9.81 -3.69
CA GLY A 237 40.76 8.60 -3.48
C GLY A 237 40.25 7.72 -2.36
N SER A 238 39.14 8.09 -1.74
CA SER A 238 38.53 7.29 -0.69
C SER A 238 37.78 6.11 -1.29
N ASP A 239 37.79 4.99 -0.57
CA ASP A 239 37.10 3.79 -1.03
C ASP A 239 35.59 4.02 -1.05
N GLN A 240 34.94 3.52 -2.09
CA GLN A 240 33.50 3.58 -2.20
C GLN A 240 32.88 2.35 -1.55
N PHE A 241 31.67 2.53 -1.01
CA PHE A 241 31.00 1.48 -0.28
C PHE A 241 29.59 1.25 -0.80
N THR A 242 29.03 0.10 -0.44
CA THR A 242 27.74 -0.36 -0.94
C THR A 242 27.06 -1.18 0.15
N GLU A 243 25.86 -0.79 0.53
CA GLU A 243 25.02 -1.66 1.36
C GLU A 243 24.52 -2.82 0.49
N TRP A 244 24.68 -4.03 0.98
CA TRP A 244 24.27 -5.21 0.24
C TRP A 244 23.76 -6.27 1.20
N VAL A 245 22.74 -6.99 0.75
CA VAL A 245 22.25 -8.16 1.45
C VAL A 245 23.39 -9.15 1.63
N SER A 246 23.60 -9.61 2.86
CA SER A 246 24.69 -10.53 3.17
C SER A 246 24.26 -11.98 3.19
N VAL A 247 22.99 -12.27 3.07
CA VAL A 247 22.52 -13.64 3.12
C VAL A 247 22.55 -14.22 1.70
N ASP A 248 22.76 -15.54 1.64
CA ASP A 248 22.76 -16.34 0.43
C ASP A 248 21.56 -17.27 0.55
N PRO A 249 20.44 -17.00 -0.14
CA PRO A 249 19.24 -17.82 0.10
C PRO A 249 19.39 -19.27 -0.34
N LEU A 250 20.45 -19.60 -1.07
CA LEU A 250 20.64 -20.99 -1.51
C LEU A 250 21.30 -21.82 -0.41
N SER A 251 22.21 -21.24 0.38
N SER A 251 22.21 -21.23 0.37
CA SER A 251 22.85 -21.94 1.50
CA SER A 251 22.85 -21.93 1.50
C SER A 251 22.94 -21.00 2.69
C SER A 251 22.94 -20.98 2.68
N PRO A 252 21.80 -20.65 3.27
CA PRO A 252 21.80 -19.65 4.36
C PRO A 252 22.39 -20.12 5.67
N ASP A 253 23.33 -19.32 6.19
CA ASP A 253 24.05 -19.56 7.44
C ASP A 253 23.22 -18.99 8.58
N LEU A 254 22.33 -19.80 9.13
CA LEU A 254 21.47 -19.33 10.21
C LEU A 254 22.24 -19.13 11.51
N ALA A 255 23.42 -19.73 11.66
CA ALA A 255 24.25 -19.42 12.82
C ALA A 255 24.72 -17.97 12.77
N LYS A 256 25.14 -17.52 11.60
CA LYS A 256 25.58 -16.13 11.44
C LYS A 256 24.41 -15.17 11.39
N TYR A 257 23.27 -15.60 10.81
CA TYR A 257 22.11 -14.74 10.64
C TYR A 257 20.87 -15.45 11.20
N PRO A 258 20.73 -15.48 12.52
CA PRO A 258 19.55 -16.16 13.09
C PRO A 258 18.22 -15.55 12.63
N GLU A 259 18.16 -14.23 12.50
CA GLU A 259 16.91 -13.58 12.12
C GLU A 259 16.40 -14.08 10.77
N TYR A 260 17.29 -14.61 9.93
CA TYR A 260 16.85 -15.08 8.62
C TYR A 260 15.93 -16.29 8.73
N ALA A 261 15.97 -17.00 9.85
CA ALA A 261 15.03 -18.10 10.06
C ALA A 261 13.59 -17.60 10.17
N ARG A 262 13.40 -16.32 10.48
N ARG A 262 13.39 -16.32 10.50
CA ARG A 262 12.06 -15.75 10.56
CA ARG A 262 12.04 -15.78 10.56
C ARG A 262 11.56 -15.28 9.20
C ARG A 262 11.54 -15.30 9.20
N ALA A 263 12.41 -15.30 8.18
CA ALA A 263 11.98 -14.98 6.82
C ALA A 263 11.21 -16.14 6.22
N LYS A 264 10.36 -15.83 5.24
CA LYS A 264 9.57 -16.83 4.53
C LYS A 264 9.77 -16.60 3.03
N PRO A 265 10.94 -16.95 2.51
CA PRO A 265 11.19 -16.77 1.07
C PRO A 265 10.28 -17.66 0.23
N LEU A 266 9.84 -17.12 -0.89
CA LEU A 266 9.01 -17.83 -1.85
C LEU A 266 9.85 -18.19 -3.06
N LYS A 267 9.70 -19.41 -3.55
CA LYS A 267 10.44 -19.88 -4.71
C LYS A 267 9.48 -20.07 -5.86
N VAL A 268 9.86 -19.57 -7.03
CA VAL A 268 9.03 -19.73 -8.21
C VAL A 268 9.91 -19.92 -9.43
N ARG A 269 9.49 -20.81 -10.31
CA ARG A 269 10.17 -21.05 -11.58
C ARG A 269 9.32 -20.45 -12.71
N VAL A 270 9.95 -19.58 -13.49
CA VAL A 270 9.30 -18.91 -14.61
C VAL A 270 9.80 -19.57 -15.89
N HIS A 271 8.89 -20.20 -16.62
CA HIS A 271 9.19 -20.92 -17.84
C HIS A 271 8.94 -20.04 -19.06
N ALA A 272 9.49 -20.48 -20.18
CA ALA A 272 9.28 -19.82 -21.47
C ALA A 272 7.80 -19.59 -21.72
N GLY A 273 7.43 -18.33 -21.93
CA GLY A 273 6.06 -17.95 -22.10
C GLY A 273 5.36 -17.51 -20.84
N ASP A 274 5.92 -17.83 -19.67
CA ASP A 274 5.36 -17.35 -18.42
C ASP A 274 5.65 -15.86 -18.22
N ILE A 275 4.79 -15.19 -17.44
CA ILE A 275 5.02 -13.82 -17.03
C ILE A 275 5.09 -13.79 -15.50
N LEU A 276 6.07 -13.09 -14.95
CA LEU A 276 6.15 -12.87 -13.52
C LEU A 276 6.07 -11.37 -13.23
N TYR A 277 5.11 -10.98 -12.38
CA TYR A 277 5.08 -9.63 -11.82
C TYR A 277 5.88 -9.63 -10.52
N LEU A 278 7.01 -8.91 -10.52
CA LEU A 278 7.82 -8.68 -9.33
C LEU A 278 7.47 -7.29 -8.81
N PRO A 279 6.69 -7.18 -7.73
CA PRO A 279 6.30 -5.84 -7.25
C PRO A 279 7.50 -5.04 -6.79
N ASN A 280 7.33 -3.72 -6.77
CA ASN A 280 8.43 -2.84 -6.42
C ASN A 280 8.95 -3.17 -5.02
N TYR A 281 10.26 -3.00 -4.85
CA TYR A 281 10.97 -3.20 -3.60
C TYR A 281 10.96 -4.62 -3.05
N TRP A 282 10.34 -5.56 -3.75
CA TRP A 282 10.45 -6.95 -3.34
C TRP A 282 11.89 -7.44 -3.49
N PHE A 283 12.39 -8.13 -2.46
CA PHE A 283 13.71 -8.75 -2.53
C PHE A 283 13.66 -9.91 -3.50
N HIS A 284 14.63 -9.95 -4.44
CA HIS A 284 14.69 -11.10 -5.35
C HIS A 284 16.14 -11.53 -5.59
N HIS A 285 16.28 -12.85 -5.76
CA HIS A 285 17.52 -13.55 -6.07
C HIS A 285 17.19 -14.43 -7.28
N VAL A 286 18.05 -14.42 -8.29
CA VAL A 286 17.69 -15.02 -9.57
C VAL A 286 18.78 -15.96 -10.08
N SER A 287 18.37 -17.16 -10.49
CA SER A 287 19.19 -18.16 -11.15
C SER A 287 18.54 -18.46 -12.50
N GLN A 288 19.25 -19.19 -13.36
N GLN A 288 19.24 -19.20 -13.36
CA GLN A 288 18.70 -19.47 -14.68
CA GLN A 288 18.59 -19.56 -14.61
C GLN A 288 19.30 -20.74 -15.27
C GLN A 288 19.30 -20.71 -15.29
N SER A 289 18.56 -21.33 -16.22
CA SER A 289 19.04 -22.43 -17.02
C SER A 289 20.05 -21.92 -18.04
N HIS A 290 20.83 -22.83 -18.58
CA HIS A 290 21.92 -22.45 -19.47
C HIS A 290 21.37 -21.87 -20.76
N LYS A 291 21.91 -20.70 -21.15
CA LYS A 291 21.50 -19.96 -22.34
C LYS A 291 20.06 -19.50 -22.29
N CYS A 292 19.48 -19.44 -21.09
CA CYS A 292 18.17 -18.83 -20.89
C CYS A 292 18.14 -17.43 -21.49
N ILE A 293 17.03 -17.11 -22.13
CA ILE A 293 16.79 -15.79 -22.71
C ILE A 293 15.55 -15.18 -22.05
N ALA A 294 15.63 -13.88 -21.72
CA ALA A 294 14.52 -13.24 -21.03
C ALA A 294 14.47 -11.76 -21.37
N VAL A 295 13.27 -11.20 -21.32
N VAL A 295 13.27 -11.20 -21.29
CA VAL A 295 13.08 -9.75 -21.46
CA VAL A 295 13.06 -9.76 -21.47
C VAL A 295 12.22 -9.27 -20.32
C VAL A 295 12.19 -9.27 -20.32
N ASN A 296 12.61 -8.18 -19.69
CA ASN A 296 11.82 -7.61 -18.61
C ASN A 296 11.63 -6.10 -18.77
N PHE A 297 10.53 -5.63 -18.21
CA PHE A 297 10.09 -4.24 -18.32
C PHE A 297 10.02 -3.64 -16.92
N TRP A 298 10.84 -2.62 -16.70
CA TRP A 298 10.83 -1.87 -15.44
C TRP A 298 9.99 -0.61 -15.56
N TYR A 299 9.21 -0.34 -14.53
CA TYR A 299 8.42 0.87 -14.45
C TYR A 299 8.68 1.56 -13.11
N ASP A 300 9.03 2.84 -13.15
CA ASP A 300 9.24 3.57 -11.91
C ASP A 300 8.05 3.37 -10.98
N LEU A 301 8.31 3.22 -9.69
CA LEU A 301 7.25 2.97 -8.74
C LEU A 301 6.45 4.24 -8.49
N ASP A 302 5.23 4.07 -8.00
CA ASP A 302 4.41 5.19 -7.53
C ASP A 302 4.47 5.23 -6.01
N TYR A 303 4.93 6.35 -5.48
CA TYR A 303 5.09 6.50 -4.04
C TYR A 303 3.75 6.58 -3.34
N ASP A 304 3.68 5.94 -2.18
CA ASP A 304 2.60 6.09 -1.23
C ASP A 304 3.20 5.77 0.14
N SER A 305 2.35 5.44 1.12
CA SER A 305 2.85 5.33 2.49
C SER A 305 3.74 4.11 2.68
N ARG A 306 3.59 3.08 1.84
CA ARG A 306 4.41 1.88 2.02
C ARG A 306 5.89 2.20 1.86
N TYR A 307 6.24 3.07 0.92
CA TYR A 307 7.64 3.49 0.80
C TYR A 307 8.13 4.16 2.08
N CYS A 308 7.29 4.98 2.71
CA CYS A 308 7.69 5.68 3.93
C CYS A 308 7.84 4.71 5.09
N TYR A 309 6.89 3.79 5.23
CA TYR A 309 7.03 2.72 6.22
C TYR A 309 8.31 1.93 5.96
N TYR A 310 8.66 1.69 4.69
CA TYR A 310 9.87 0.91 4.38
C TYR A 310 11.12 1.68 4.79
N ARG A 311 11.12 3.00 4.58
CA ARG A 311 12.26 3.80 5.05
C ARG A 311 12.34 3.78 6.58
N MET A 312 11.19 3.82 7.25
CA MET A 312 11.18 3.69 8.70
C MET A 312 11.75 2.34 9.12
N LEU A 313 11.34 1.27 8.44
CA LEU A 313 11.86 -0.08 8.72
C LEU A 313 13.38 -0.10 8.56
N GLU A 314 13.89 0.58 7.54
CA GLU A 314 15.33 0.67 7.36
C GLU A 314 15.99 1.35 8.54
N GLN A 315 15.39 2.42 9.04
CA GLN A 315 15.94 3.08 10.22
C GLN A 315 15.92 2.16 11.43
N MET A 316 14.85 1.38 11.59
CA MET A 316 14.69 0.51 12.75
C MET A 316 15.66 -0.65 12.72
N THR A 317 16.20 -1.00 11.55
CA THR A 317 17.09 -2.15 11.44
C THR A 317 18.48 -1.74 10.98
N SER A 318 19.16 -0.91 11.77
CA SER A 318 20.49 -0.45 11.43
C SER A 318 21.30 -0.08 12.67
N MET B 7 16.96 11.37 22.30
CA MET B 7 15.95 10.74 21.41
C MET B 7 16.15 9.23 21.36
N SER B 8 15.08 8.48 21.64
CA SER B 8 15.15 7.03 21.58
C SER B 8 15.05 6.55 20.13
N GLU B 9 15.32 5.26 19.93
CA GLU B 9 15.28 4.70 18.59
C GLU B 9 13.87 4.75 18.01
N VAL B 10 12.85 4.49 18.83
CA VAL B 10 11.48 4.57 18.36
C VAL B 10 11.18 5.96 17.81
N GLU B 11 11.65 7.00 18.50
CA GLU B 11 11.38 8.36 18.04
C GLU B 11 12.14 8.69 16.75
N ARG B 12 13.34 8.14 16.56
CA ARG B 12 14.03 8.35 15.29
C ARG B 12 13.33 7.60 14.16
N ALA B 13 12.80 6.42 14.45
CA ALA B 13 12.00 5.72 13.45
C ALA B 13 10.80 6.57 13.02
N LEU B 14 10.02 7.03 14.00
CA LEU B 14 8.86 7.86 13.71
C LEU B 14 9.25 9.12 12.95
N ASP B 15 10.40 9.70 13.30
CA ASP B 15 10.86 10.91 12.65
C ASP B 15 11.25 10.63 11.19
N VAL B 16 11.86 9.47 10.92
CA VAL B 16 12.18 9.13 9.54
C VAL B 16 10.92 8.94 8.73
N LEU B 17 9.95 8.20 9.28
CA LEU B 17 8.65 8.06 8.64
C LEU B 17 8.08 9.43 8.27
N LEU B 18 8.08 10.36 9.22
CA LEU B 18 7.44 11.65 8.98
C LEU B 18 8.21 12.46 7.95
N GLN B 19 9.54 12.50 8.06
CA GLN B 19 10.33 13.24 7.09
C GLN B 19 10.09 12.70 5.68
N GLU B 20 10.04 11.38 5.53
CA GLU B 20 9.83 10.80 4.21
C GLU B 20 8.44 11.16 3.68
N ALA B 21 7.41 11.08 4.54
CA ALA B 21 6.06 11.40 4.09
C ALA B 21 5.90 12.88 3.78
N GLU B 22 6.62 13.75 4.49
CA GLU B 22 6.55 15.19 4.24
C GLU B 22 7.30 15.57 2.95
N GLU B 23 8.47 15.00 2.71
CA GLU B 23 9.13 15.27 1.44
C GLU B 23 8.30 14.75 0.28
N LEU B 24 7.59 13.65 0.47
CA LEU B 24 6.75 13.13 -0.60
C LEU B 24 5.32 13.69 -0.59
N ILE B 26 2.76 12.86 1.13
CA ILE B 26 1.77 11.81 1.18
C ILE B 26 0.49 12.34 1.82
N GLY B 27 -0.64 12.12 1.15
CA GLY B 27 -1.93 12.53 1.69
C GLY B 27 -2.01 14.00 2.04
N SER B 28 -1.39 14.84 1.21
CA SER B 28 -1.29 16.27 1.49
C SER B 28 -2.45 17.07 0.91
N SER B 29 -3.37 16.42 0.20
CA SER B 29 -4.56 17.10 -0.32
C SER B 29 -5.60 16.04 -0.62
N VAL B 30 -6.82 16.52 -0.84
CA VAL B 30 -7.95 15.70 -1.26
C VAL B 30 -8.20 16.00 -2.72
N VAL B 31 -8.04 14.99 -3.57
CA VAL B 31 -8.18 15.18 -5.01
C VAL B 31 -9.62 15.53 -5.34
N GLU B 32 -9.78 16.40 -6.33
CA GLU B 32 -11.10 16.86 -6.72
C GLU B 32 -11.37 16.53 -8.18
N LEU B 33 -12.47 15.83 -8.42
CA LEU B 33 -12.88 15.44 -9.76
C LEU B 33 -14.23 16.08 -10.09
N ASP B 34 -14.41 16.42 -11.37
CA ASP B 34 -15.69 16.91 -11.88
C ASP B 34 -16.52 15.81 -12.53
N ARG B 35 -15.91 14.68 -12.87
CA ARG B 35 -16.60 13.54 -13.44
C ARG B 35 -16.21 12.29 -12.69
N ILE B 36 -17.14 11.35 -12.59
CA ILE B 36 -16.87 10.07 -11.95
C ILE B 36 -15.73 9.37 -12.68
N PRO B 37 -14.76 8.81 -11.98
CA PRO B 37 -13.69 8.07 -12.66
C PRO B 37 -14.17 6.70 -13.12
N THR B 38 -13.36 6.08 -13.98
CA THR B 38 -13.58 4.68 -14.30
C THR B 38 -13.13 3.80 -13.14
N ALA B 39 -13.61 2.56 -13.14
CA ALA B 39 -13.17 1.61 -12.12
C ALA B 39 -11.65 1.51 -12.09
N LEU B 40 -11.02 1.43 -13.25
CA LEU B 40 -9.56 1.30 -13.29
C LEU B 40 -8.89 2.55 -12.74
N GLU B 41 -9.37 3.73 -13.16
CA GLU B 41 -8.83 4.98 -12.62
C GLU B 41 -8.98 5.03 -11.10
N PHE B 42 -10.12 4.58 -10.58
CA PHE B 42 -10.35 4.67 -9.14
C PHE B 42 -9.48 3.67 -8.38
N CYS B 43 -9.30 2.47 -8.93
CA CYS B 43 -8.45 1.48 -8.28
C CYS B 43 -7.00 1.94 -8.31
N ARG B 44 -6.56 2.53 -9.41
CA ARG B 44 -5.15 2.87 -9.55
C ARG B 44 -4.79 4.14 -8.79
N GLU B 45 -5.63 5.16 -8.87
CA GLU B 45 -5.23 6.47 -8.38
C GLU B 45 -5.62 6.73 -6.93
N PHE B 46 -6.66 6.08 -6.42
CA PHE B 46 -7.20 6.44 -5.11
C PHE B 46 -7.17 5.25 -4.15
N TYR B 47 -7.93 4.20 -4.42
CA TYR B 47 -7.91 3.01 -3.58
C TYR B 47 -6.49 2.49 -3.36
N SER B 48 -5.75 2.24 -4.44
CA SER B 48 -4.46 1.59 -4.29
C SER B 48 -3.45 2.49 -3.58
N LYS B 49 -3.67 3.80 -3.55
CA LYS B 49 -2.79 4.69 -2.82
C LYS B 49 -3.36 5.11 -1.47
N ASN B 50 -4.49 4.54 -1.04
CA ASN B 50 -5.09 4.91 0.25
C ASN B 50 -5.27 6.43 0.29
N GLN B 51 -5.91 6.95 -0.74
CA GLN B 51 -5.91 8.37 -1.05
C GLN B 51 -7.33 8.89 -1.25
N PRO B 52 -7.75 9.91 -0.51
CA PRO B 52 -9.13 10.39 -0.65
C PRO B 52 -9.36 11.22 -1.89
N VAL B 53 -10.60 11.18 -2.36
CA VAL B 53 -11.01 11.94 -3.53
C VAL B 53 -12.47 12.35 -3.36
N VAL B 54 -12.78 13.57 -3.80
CA VAL B 54 -14.14 14.09 -3.79
C VAL B 54 -14.54 14.35 -5.23
N ILE B 55 -15.77 13.97 -5.57
CA ILE B 55 -16.32 14.05 -6.92
C ILE B 55 -17.50 14.99 -6.86
N ARG B 56 -17.40 16.11 -7.59
CA ARG B 56 -18.38 17.19 -7.52
C ARG B 56 -19.55 16.92 -8.45
N LYS B 57 -20.76 17.18 -7.95
CA LYS B 57 -21.99 16.98 -8.72
C LYS B 57 -21.93 15.65 -9.47
N ALA B 58 -21.60 14.60 -8.72
CA ALA B 58 -21.45 13.28 -9.32
C ALA B 58 -22.78 12.57 -9.50
N LEU B 59 -23.74 12.82 -8.60
CA LEU B 59 -24.97 12.05 -8.55
C LEU B 59 -26.19 12.91 -8.88
N ASN B 60 -27.06 12.35 -9.71
CA ASN B 60 -28.34 12.95 -10.04
C ASN B 60 -29.51 12.10 -9.53
N TRP B 61 -29.31 11.40 -8.41
CA TRP B 61 -30.37 10.57 -7.83
C TRP B 61 -31.62 11.42 -7.62
N PRO B 62 -32.80 10.82 -7.77
CA PRO B 62 -34.03 11.55 -7.39
C PRO B 62 -33.91 12.16 -6.00
N ALA B 63 -33.47 11.37 -5.02
CA ALA B 63 -33.39 11.76 -3.63
C ALA B 63 -32.84 13.16 -3.41
N ILE B 64 -31.79 13.51 -4.15
CA ILE B 64 -31.03 14.73 -3.87
C ILE B 64 -31.92 15.95 -3.96
N GLY B 65 -33.00 15.89 -4.73
CA GLY B 65 -33.88 17.04 -4.82
C GLY B 65 -35.07 16.98 -3.90
N LYS B 66 -35.45 15.75 -3.51
CA LYS B 66 -36.72 15.55 -2.84
C LYS B 66 -36.61 15.17 -1.38
N TRP B 67 -35.45 14.72 -0.92
CA TRP B 67 -35.31 14.22 0.44
C TRP B 67 -35.15 15.39 1.41
N THR B 68 -36.15 15.57 2.29
CA THR B 68 -36.11 16.52 3.38
C THR B 68 -36.79 15.87 4.58
N PRO B 69 -36.82 16.52 5.74
CA PRO B 69 -37.60 15.94 6.86
C PRO B 69 -39.08 15.75 6.54
N LYS B 70 -39.74 16.74 5.94
CA LYS B 70 -41.17 16.64 5.67
C LYS B 70 -41.46 15.46 4.75
N TYR B 71 -40.85 15.47 3.57
CA TYR B 71 -41.02 14.37 2.63
C TYR B 71 -40.70 13.03 3.29
N LEU B 72 -39.65 12.99 4.11
CA LEU B 72 -39.28 11.72 4.73
C LEU B 72 -40.39 11.20 5.62
N ILE B 73 -40.96 12.06 6.47
CA ILE B 73 -42.10 11.64 7.26
C ILE B 73 -43.21 11.12 6.34
N GLU B 74 -43.54 11.90 5.31
CA GLU B 74 -44.59 11.48 4.38
C GLU B 74 -44.33 10.08 3.85
N ALA B 75 -43.19 9.88 3.20
CA ALA B 75 -42.91 8.63 2.51
C ALA B 75 -42.64 7.49 3.48
N LEU B 76 -42.10 7.77 4.66
CA LEU B 76 -41.80 6.75 5.65
C LEU B 76 -42.95 6.53 6.62
N GLY B 77 -44.15 6.98 6.29
CA GLY B 77 -45.30 6.73 7.14
C GLY B 77 -45.10 7.12 8.58
N ASP B 78 -44.34 8.19 8.82
CA ASP B 78 -44.04 8.68 10.17
C ASP B 78 -43.81 7.52 11.14
N ARG B 79 -42.81 6.71 10.80
CA ARG B 79 -42.43 5.58 11.64
C ARG B 79 -41.65 6.08 12.86
N SER B 80 -41.62 5.25 13.89
CA SER B 80 -40.77 5.51 15.05
C SER B 80 -39.32 5.20 14.69
N VAL B 81 -38.41 6.07 15.13
CA VAL B 81 -37.00 5.95 14.78
C VAL B 81 -36.16 5.86 16.04
N ASP B 82 -34.94 5.36 15.85
CA ASP B 82 -33.91 5.31 16.89
C ASP B 82 -33.03 6.55 16.75
N VAL B 83 -33.14 7.45 17.71
CA VAL B 83 -32.43 8.72 17.64
C VAL B 83 -31.47 8.85 18.81
N ALA B 84 -30.40 9.61 18.60
CA ALA B 84 -29.34 9.83 19.57
C ALA B 84 -29.36 11.28 20.02
N ILE B 85 -29.27 11.47 21.33
CA ILE B 85 -29.39 12.78 21.96
C ILE B 85 -28.20 13.01 22.88
N THR B 86 -27.71 14.24 22.89
CA THR B 86 -26.66 14.64 23.82
C THR B 86 -26.86 16.09 24.24
N PRO B 87 -26.24 16.51 25.37
CA PRO B 87 -26.31 17.93 25.75
C PRO B 87 -25.40 18.84 24.93
N ASN B 88 -24.15 18.42 24.74
CA ASN B 88 -23.13 19.25 24.14
C ASN B 88 -22.99 19.03 22.63
N GLY B 89 -23.64 18.03 22.07
CA GLY B 89 -23.52 17.74 20.65
C GLY B 89 -22.35 16.88 20.29
N TYR B 90 -21.72 16.20 21.25
CA TYR B 90 -20.57 15.34 21.00
C TYR B 90 -20.91 13.92 21.44
N ALA B 91 -21.78 13.26 20.67
CA ALA B 91 -21.98 11.82 20.83
C ALA B 91 -20.72 11.09 20.40
N ASP B 92 -20.33 10.07 21.16
CA ASP B 92 -19.04 9.41 20.99
C ASP B 92 -17.91 10.43 21.11
N GLY B 93 -17.96 11.22 22.18
CA GLY B 93 -17.03 12.31 22.34
C GLY B 93 -16.67 12.54 23.80
N LEU B 94 -15.80 13.51 24.05
CA LEU B 94 -15.21 13.71 25.37
C LEU B 94 -15.97 14.76 26.17
N ALA B 95 -16.28 14.43 27.43
CA ALA B 95 -16.97 15.38 28.31
C ALA B 95 -16.54 15.17 29.76
N THR B 96 -16.48 16.26 30.51
CA THR B 96 -16.06 16.19 31.90
C THR B 96 -17.28 16.23 32.83
N GLN B 97 -17.15 15.54 33.96
CA GLN B 97 -18.19 15.50 34.99
C GLN B 97 -17.54 15.07 36.29
N ASN B 98 -17.85 15.81 37.36
CA ASN B 98 -17.30 15.53 38.69
C ASN B 98 -15.78 15.37 38.62
N GLY B 99 -15.15 16.28 37.89
CA GLY B 99 -13.71 16.30 37.80
C GLY B 99 -13.09 15.20 36.96
N GLN B 100 -13.89 14.49 36.17
CA GLN B 100 -13.44 13.30 35.46
C GLN B 100 -13.80 13.42 34.00
N GLU B 101 -12.83 13.19 33.11
CA GLU B 101 -13.09 13.28 31.68
C GLU B 101 -13.47 11.90 31.15
N TYR B 102 -14.63 11.83 30.51
CA TYR B 102 -15.20 10.60 29.98
C TYR B 102 -15.22 10.65 28.46
N PHE B 103 -15.19 9.45 27.87
CA PHE B 103 -15.69 9.22 26.51
C PHE B 103 -17.14 8.79 26.62
N VAL B 104 -18.05 9.58 26.06
CA VAL B 104 -19.49 9.45 26.31
C VAL B 104 -20.19 9.07 25.01
N LEU B 105 -21.03 8.03 25.10
CA LEU B 105 -21.95 7.57 24.08
C LEU B 105 -23.27 8.36 24.15
N PRO B 106 -24.05 8.36 23.07
CA PRO B 106 -25.30 9.14 23.07
C PRO B 106 -26.40 8.43 23.85
N LEU B 107 -27.35 9.24 24.31
CA LEU B 107 -28.61 8.72 24.80
C LEU B 107 -29.43 8.23 23.62
N GLU B 108 -29.60 6.91 23.50
CA GLU B 108 -30.32 6.31 22.38
C GLU B 108 -31.75 6.05 22.84
N THR B 109 -32.70 6.79 22.26
CA THR B 109 -34.11 6.60 22.59
C THR B 109 -34.90 6.46 21.29
N LYS B 110 -36.20 6.25 21.42
CA LYS B 110 -37.09 6.05 20.29
C LYS B 110 -38.09 7.18 20.23
N MET B 111 -38.25 7.79 19.06
CA MET B 111 -39.31 8.78 18.93
C MET B 111 -39.79 8.87 17.49
N LYS B 112 -41.02 9.37 17.34
CA LYS B 112 -41.62 9.55 16.04
C LYS B 112 -40.81 10.57 15.23
N LEU B 113 -40.59 10.26 13.95
CA LEU B 113 -39.89 11.17 13.06
C LEU B 113 -40.34 12.62 13.25
N SER B 114 -41.65 12.84 13.33
CA SER B 114 -42.17 14.19 13.54
C SER B 114 -41.61 14.81 14.81
N GLU B 115 -41.53 14.04 15.90
CA GLU B 115 -40.98 14.57 17.14
C GLU B 115 -39.53 14.99 16.93
N VAL B 116 -38.76 14.18 16.21
CA VAL B 116 -37.39 14.56 15.89
C VAL B 116 -37.36 15.90 15.18
N VAL B 117 -38.25 16.08 14.20
CA VAL B 117 -38.23 17.32 13.43
C VAL B 117 -38.60 18.50 14.29
N ARG B 118 -39.51 18.32 15.25
CA ARG B 118 -39.78 19.38 16.20
C ARG B 118 -38.55 19.68 17.05
N ARG B 119 -37.83 18.65 17.48
CA ARG B 119 -36.68 18.85 18.36
C ARG B 119 -35.51 19.50 17.64
N LEU B 120 -35.32 19.21 16.35
CA LEU B 120 -34.24 19.85 15.60
C LEU B 120 -34.53 21.33 15.39
N ASP B 121 -35.81 21.70 15.31
CA ASP B 121 -36.22 23.08 15.10
C ASP B 121 -36.09 23.95 16.34
N ASP B 122 -35.70 23.37 17.46
CA ASP B 122 -35.50 24.10 18.71
C ASP B 122 -34.02 24.47 18.87
N PRO B 123 -33.63 25.71 18.64
CA PRO B 123 -32.22 26.06 18.81
C PRO B 123 -31.70 25.87 20.23
N THR B 124 -32.60 25.87 21.22
CA THR B 124 -32.23 25.82 22.63
C THR B 124 -32.25 24.41 23.21
N GLY B 125 -32.76 23.43 22.47
CA GLY B 125 -32.91 22.08 22.98
C GLY B 125 -31.62 21.28 22.95
N ALA B 126 -31.78 19.98 23.16
CA ALA B 126 -30.64 19.06 23.09
C ALA B 126 -30.25 18.81 21.64
N VAL B 127 -29.14 18.13 21.45
CA VAL B 127 -28.61 17.84 20.12
C VAL B 127 -29.05 16.44 19.73
N HIS B 128 -29.84 16.36 18.65
CA HIS B 128 -30.41 15.12 18.15
C HIS B 128 -29.82 14.76 16.78
N TYR B 129 -29.64 13.46 16.55
CA TYR B 129 -29.35 12.98 15.20
C TYR B 129 -29.84 11.55 15.04
N ILE B 130 -30.11 11.17 13.79
CA ILE B 130 -30.60 9.85 13.42
C ILE B 130 -29.54 9.17 12.59
N GLN B 131 -29.11 7.99 13.03
CA GLN B 131 -28.15 7.15 12.31
C GLN B 131 -28.71 5.74 12.24
N LYS B 132 -29.14 5.32 11.05
CA LYS B 132 -29.68 3.98 10.85
C LYS B 132 -28.78 3.16 9.95
N GLN B 133 -28.54 1.91 10.34
CA GLN B 133 -27.65 1.02 9.61
C GLN B 133 -28.41 -0.20 9.09
N ASN B 134 -28.16 -0.56 7.83
CA ASN B 134 -28.73 -1.79 7.29
C ASN B 134 -27.87 -2.24 6.11
N SER B 135 -28.42 -3.10 5.25
CA SER B 135 -27.65 -3.59 4.09
C SER B 135 -28.48 -3.65 2.81
N ASP B 140 -41.08 0.71 3.61
CA ASP B 140 -40.70 2.10 3.42
C ASP B 140 -39.31 2.19 2.81
N LEU B 141 -38.40 1.35 3.31
CA LEU B 141 -37.03 1.34 2.82
C LEU B 141 -37.01 1.09 1.31
N PRO B 142 -38.00 0.40 0.74
CA PRO B 142 -37.99 0.26 -0.73
C PRO B 142 -38.35 1.52 -1.51
N GLU B 143 -39.23 2.39 -1.02
CA GLU B 143 -39.42 3.67 -1.69
C GLU B 143 -38.15 4.52 -1.59
N LEU B 144 -37.60 4.61 -0.39
CA LEU B 144 -36.30 5.23 -0.20
C LEU B 144 -35.28 4.64 -1.18
N ALA B 145 -35.33 3.33 -1.38
CA ALA B 145 -34.40 2.68 -2.29
C ALA B 145 -34.70 3.01 -3.74
N ALA B 146 -35.97 3.28 -4.05
CA ALA B 146 -36.35 3.76 -5.38
C ALA B 146 -35.79 5.15 -5.65
N ASP B 147 -35.48 5.91 -4.61
CA ASP B 147 -34.82 7.19 -4.83
C ASP B 147 -33.31 7.07 -5.02
N LEU B 148 -32.74 5.87 -4.98
CA LEU B 148 -31.30 5.69 -5.10
C LEU B 148 -30.96 4.73 -6.24
N ARG B 149 -29.80 4.95 -6.84
CA ARG B 149 -29.19 4.01 -7.80
C ARG B 149 -27.80 3.66 -7.26
N VAL B 150 -27.74 2.69 -6.35
CA VAL B 150 -26.48 2.26 -5.77
C VAL B 150 -25.52 1.77 -6.84
N SER B 151 -26.05 1.27 -7.96
CA SER B 151 -25.21 0.85 -9.07
C SER B 151 -24.23 1.94 -9.48
N ASP B 152 -24.60 3.20 -9.28
CA ASP B 152 -23.76 4.30 -9.73
C ASP B 152 -22.44 4.36 -8.98
N LEU B 153 -22.32 3.66 -7.86
CA LEU B 153 -21.06 3.61 -7.12
C LEU B 153 -20.17 2.45 -7.56
N ASP B 154 -20.57 1.72 -8.60
CA ASP B 154 -19.77 0.61 -9.10
C ASP B 154 -18.31 1.02 -9.29
N PHE B 155 -18.06 2.22 -9.81
CA PHE B 155 -16.69 2.66 -10.08
C PHE B 155 -15.80 2.44 -8.88
N ALA B 156 -16.31 2.69 -7.67
CA ALA B 156 -15.54 2.46 -6.45
C ALA B 156 -15.71 1.04 -5.95
N GLN B 157 -16.94 0.51 -6.02
CA GLN B 157 -17.21 -0.80 -5.43
C GLN B 157 -16.38 -1.88 -6.08
N GLN B 158 -16.06 -1.72 -7.36
CA GLN B 158 -15.30 -2.74 -8.07
C GLN B 158 -13.90 -2.91 -7.49
N SER B 159 -13.37 -1.87 -6.85
CA SER B 159 -12.07 -2.06 -6.21
C SER B 159 -12.19 -2.83 -4.91
N PHE B 160 -13.28 -2.61 -4.17
CA PHE B 160 -13.51 -3.33 -2.92
C PHE B 160 -13.96 -4.74 -3.20
N ASN B 161 -14.57 -4.95 -4.37
CA ASN B 161 -14.98 -6.27 -4.85
C ASN B 161 -15.78 -7.04 -3.82
N LYS B 162 -16.71 -6.35 -3.18
CA LYS B 162 -17.65 -6.99 -2.28
C LYS B 162 -18.82 -6.06 -2.08
N PRO B 163 -19.96 -6.56 -1.65
CA PRO B 163 -21.11 -5.70 -1.40
C PRO B 163 -20.90 -4.91 -0.13
N PRO B 164 -21.50 -3.74 0.00
CA PRO B 164 -21.32 -2.97 1.24
C PRO B 164 -21.63 -3.81 2.46
N ASP B 165 -20.70 -3.82 3.41
CA ASP B 165 -21.00 -4.48 4.67
C ASP B 165 -21.96 -3.65 5.50
N ALA B 166 -22.07 -2.35 5.24
CA ALA B 166 -23.10 -1.56 5.89
C ALA B 166 -23.49 -0.36 5.03
N VAL B 167 -24.73 0.08 5.18
CA VAL B 167 -25.25 1.27 4.52
C VAL B 167 -25.95 2.09 5.59
N ASN B 168 -25.51 3.33 5.79
CA ASN B 168 -26.01 4.17 6.87
C ASN B 168 -26.69 5.41 6.31
N PHE B 169 -27.83 5.74 6.91
CA PHE B 169 -28.58 6.96 6.64
C PHE B 169 -28.45 7.88 7.85
N TRP B 170 -28.16 9.16 7.58
CA TRP B 170 -27.88 10.15 8.61
C TRP B 170 -28.73 11.40 8.38
N LEU B 171 -29.44 11.81 9.42
CA LEU B 171 -30.20 13.07 9.41
C LEU B 171 -30.14 13.69 10.80
N GLY B 172 -29.61 14.90 10.92
CA GLY B 172 -29.41 15.47 12.23
C GLY B 172 -29.16 16.96 12.26
N ASP B 173 -28.81 17.43 13.47
CA ASP B 173 -28.63 18.84 13.82
C ASP B 173 -27.20 19.30 13.54
N GLU B 174 -27.06 20.57 13.17
CA GLU B 174 -25.73 21.12 12.89
C GLU B 174 -24.84 21.06 14.12
N ARG B 175 -25.43 21.12 15.32
CA ARG B 175 -24.63 21.05 16.54
C ARG B 175 -24.07 19.65 16.77
N ALA B 176 -24.59 18.65 16.08
CA ALA B 176 -24.07 17.29 16.19
C ALA B 176 -22.71 17.23 15.51
N VAL B 177 -21.66 17.01 16.29
CA VAL B 177 -20.29 16.99 15.81
C VAL B 177 -19.72 15.62 16.11
N THR B 178 -19.18 14.97 15.08
CA THR B 178 -18.54 13.67 15.21
C THR B 178 -17.04 13.89 15.42
N SER B 179 -16.54 13.49 16.59
CA SER B 179 -15.16 13.76 16.97
C SER B 179 -14.21 12.81 16.26
N MET B 180 -12.94 13.19 16.24
CA MET B 180 -11.98 12.50 15.38
C MET B 180 -11.85 11.04 15.76
N HIS B 181 -11.97 10.18 14.76
CA HIS B 181 -11.84 8.74 14.93
C HIS B 181 -11.41 8.13 13.61
N LYS B 182 -11.14 6.83 13.65
CA LYS B 182 -10.77 6.06 12.47
C LYS B 182 -11.67 4.84 12.37
N ASP B 183 -11.94 4.41 11.13
CA ASP B 183 -12.80 3.28 10.82
C ASP B 183 -12.06 2.24 10.00
N PRO B 184 -12.30 0.93 10.23
CA PRO B 184 -11.68 -0.11 9.39
C PRO B 184 -12.46 -0.36 8.11
N TYR B 185 -12.97 0.70 7.49
CA TYR B 185 -13.82 0.56 6.32
C TYR B 185 -13.32 1.45 5.21
N GLU B 186 -13.39 0.96 3.97
CA GLU B 186 -13.51 1.87 2.85
C GLU B 186 -14.89 2.52 2.94
N ASN B 187 -14.93 3.85 2.76
CA ASN B 187 -16.14 4.61 3.01
C ASN B 187 -16.46 5.41 1.77
N VAL B 188 -17.63 5.14 1.17
CA VAL B 188 -18.13 5.93 0.05
C VAL B 188 -19.29 6.77 0.59
N TYR B 189 -19.11 8.08 0.61
CA TYR B 189 -19.96 8.99 1.39
C TYR B 189 -20.68 9.94 0.45
N CYS B 190 -22.01 9.93 0.49
CA CYS B 190 -22.83 10.69 -0.45
C CYS B 190 -23.76 11.61 0.33
N VAL B 191 -23.49 12.90 0.26
CA VAL B 191 -24.37 13.90 0.86
C VAL B 191 -25.58 14.10 -0.04
N ILE B 192 -26.76 14.03 0.54
CA ILE B 192 -28.03 14.12 -0.17
C ILE B 192 -28.59 15.54 -0.09
N SER B 193 -28.70 16.06 1.13
CA SER B 193 -29.19 17.40 1.39
C SER B 193 -28.22 18.09 2.34
N GLY B 194 -27.76 19.27 1.97
CA GLY B 194 -26.88 20.04 2.81
C GLY B 194 -25.41 19.91 2.44
N HIS B 195 -24.55 20.05 3.44
CA HIS B 195 -23.11 19.86 3.26
C HIS B 195 -22.52 19.29 4.53
N LYS B 196 -21.48 18.47 4.36
CA LYS B 196 -20.70 17.94 5.47
C LYS B 196 -19.28 18.47 5.39
N ASP B 197 -18.73 18.90 6.53
CA ASP B 197 -17.35 19.36 6.58
C ASP B 197 -16.50 18.28 7.25
N PHE B 198 -15.50 17.78 6.53
CA PHE B 198 -14.59 16.77 7.03
C PHE B 198 -13.23 17.41 7.32
N VAL B 199 -12.65 17.03 8.45
CA VAL B 199 -11.24 17.21 8.75
C VAL B 199 -10.61 15.81 8.70
N LEU B 200 -9.61 15.65 7.85
CA LEU B 200 -9.00 14.37 7.56
C LEU B 200 -7.53 14.40 7.99
N ILE B 201 -7.06 13.27 8.48
CA ILE B 201 -5.63 13.12 8.78
C ILE B 201 -5.16 11.73 8.37
N PRO B 202 -4.04 11.60 7.64
CA PRO B 202 -3.68 10.30 7.09
C PRO B 202 -3.20 9.34 8.18
N PRO B 203 -3.36 8.04 7.95
CA PRO B 203 -2.93 7.07 8.99
C PRO B 203 -1.49 7.23 9.47
N HIS B 204 -0.55 7.47 8.57
CA HIS B 204 0.86 7.52 8.95
C HIS B 204 1.17 8.67 9.89
N GLN B 205 0.24 9.60 10.09
CA GLN B 205 0.41 10.67 11.07
C GLN B 205 -0.07 10.26 12.46
N LEU B 206 -0.19 8.96 12.72
CA LEU B 206 -0.68 8.49 14.01
C LEU B 206 0.05 9.14 15.18
N SER B 207 1.37 9.22 15.11
CA SER B 207 2.15 9.71 16.24
C SER B 207 1.98 11.20 16.48
N CYS B 208 1.29 11.90 15.60
CA CYS B 208 1.00 13.32 15.76
C CYS B 208 -0.37 13.59 16.37
N VAL B 209 -1.20 12.56 16.49
CA VAL B 209 -2.57 12.67 16.96
C VAL B 209 -2.61 12.10 18.38
N PRO B 210 -2.68 12.95 19.41
CA PRO B 210 -2.64 12.44 20.78
C PRO B 210 -3.85 11.58 21.09
N ARG B 211 -3.61 10.44 21.73
CA ARG B 211 -4.65 9.56 22.21
C ARG B 211 -4.49 9.33 23.71
N GLY B 212 -5.63 9.16 24.38
CA GLY B 212 -5.63 8.80 25.78
C GLY B 212 -6.57 7.63 26.03
N ILE B 213 -6.52 7.14 27.27
CA ILE B 213 -7.46 6.15 27.78
C ILE B 213 -8.46 6.88 28.66
N TYR B 214 -9.75 6.71 28.38
CA TYR B 214 -10.79 7.43 29.09
C TYR B 214 -11.84 6.47 29.64
N PRO B 215 -12.36 6.73 30.85
CA PRO B 215 -13.52 5.96 31.31
C PRO B 215 -14.68 6.12 30.34
N THR B 216 -15.42 5.05 30.15
CA THR B 216 -16.57 5.06 29.25
C THR B 216 -17.82 5.48 30.01
N GLY B 217 -18.58 6.41 29.45
CA GLY B 217 -19.83 6.84 30.03
C GLY B 217 -20.91 6.96 28.96
N VAL B 218 -22.15 7.13 29.43
CA VAL B 218 -23.30 7.28 28.55
C VAL B 218 -24.14 8.45 29.05
N TYR B 219 -24.70 9.22 28.11
CA TYR B 219 -25.58 10.32 28.48
C TYR B 219 -26.95 9.76 28.89
N LYS B 220 -27.47 10.31 29.99
CA LYS B 220 -28.70 9.85 30.60
C LYS B 220 -29.50 11.06 31.06
N THR B 221 -30.82 10.95 30.98
CA THR B 221 -31.70 11.98 31.49
C THR B 221 -32.15 11.62 32.90
N SER B 222 -32.43 12.66 33.68
CA SER B 222 -33.03 12.48 35.00
C SER B 222 -34.55 12.57 34.86
N ASP B 223 -35.25 12.36 35.98
CA ASP B 223 -36.68 12.66 36.01
C ASP B 223 -36.90 14.15 35.78
N SER B 224 -36.06 14.99 36.39
CA SER B 224 -36.17 16.43 36.19
C SER B 224 -35.94 16.81 34.73
N GLY B 225 -35.03 16.12 34.06
CA GLY B 225 -34.72 16.40 32.68
C GLY B 225 -33.31 16.88 32.41
N GLN B 226 -32.49 17.08 33.44
CA GLN B 226 -31.12 17.51 33.26
C GLN B 226 -30.27 16.35 32.80
N PHE B 227 -29.32 16.63 31.92
CA PHE B 227 -28.46 15.60 31.34
C PHE B 227 -27.26 15.32 32.24
N TYR B 228 -26.96 14.02 32.43
CA TYR B 228 -25.80 13.61 33.23
C TYR B 228 -25.15 12.42 32.55
N ILE B 229 -23.95 12.07 33.02
CA ILE B 229 -23.17 10.97 32.48
C ILE B 229 -23.20 9.82 33.48
N GLU B 230 -23.53 8.62 33.01
CA GLU B 230 -23.43 7.44 33.86
C GLU B 230 -22.30 6.53 33.37
N PRO B 231 -21.37 6.15 34.24
CA PRO B 231 -20.31 5.22 33.82
C PRO B 231 -20.85 3.89 33.32
N LEU B 232 -19.99 3.18 32.61
CA LEU B 232 -20.30 1.86 32.09
C LEU B 232 -19.49 0.79 32.81
N ARG B 233 -20.09 -0.40 32.92
CA ARG B 233 -19.48 -1.52 33.63
C ARG B 233 -19.27 -2.69 32.66
N ASP B 234 -18.41 -3.61 33.09
CA ASP B 234 -18.15 -4.84 32.35
C ASP B 234 -19.01 -5.97 32.92
N GLU B 235 -18.69 -7.21 32.55
CA GLU B 235 -19.41 -8.34 33.11
C GLU B 235 -19.29 -8.36 34.63
N GLU B 236 -18.07 -8.17 35.14
CA GLU B 236 -17.83 -8.27 36.57
C GLU B 236 -18.36 -7.08 37.36
N GLY B 237 -18.63 -5.96 36.69
CA GLY B 237 -18.98 -4.74 37.36
C GLY B 237 -17.88 -3.71 37.42
N SER B 238 -16.71 -4.00 36.85
CA SER B 238 -15.61 -3.06 36.80
C SER B 238 -15.82 -2.07 35.65
N ASP B 239 -15.05 -0.99 35.68
CA ASP B 239 -15.22 0.07 34.69
C ASP B 239 -14.71 -0.38 33.32
N GLN B 240 -15.46 -0.02 32.28
CA GLN B 240 -15.01 -0.22 30.91
C GLN B 240 -14.31 1.04 30.41
N PHE B 241 -13.25 0.84 29.62
CA PHE B 241 -12.43 1.94 29.17
C PHE B 241 -12.38 2.01 27.65
N THR B 242 -11.96 3.18 27.14
CA THR B 242 -11.96 3.42 25.70
C THR B 242 -10.82 4.36 25.34
N GLU B 243 -10.02 3.95 24.36
CA GLU B 243 -8.96 4.80 23.82
C GLU B 243 -9.57 5.78 22.82
N TRP B 244 -9.12 7.03 22.87
CA TRP B 244 -9.72 8.06 22.04
C TRP B 244 -8.76 9.20 21.78
N VAL B 245 -8.99 9.88 20.66
CA VAL B 245 -8.19 11.04 20.29
C VAL B 245 -8.51 12.21 21.22
N SER B 246 -7.46 12.80 21.79
CA SER B 246 -7.61 13.82 22.82
C SER B 246 -7.70 15.23 22.25
N VAL B 247 -7.30 15.44 21.02
CA VAL B 247 -7.21 16.78 20.45
C VAL B 247 -8.53 17.13 19.79
N ASP B 248 -8.81 18.43 19.73
CA ASP B 248 -9.98 18.97 19.04
C ASP B 248 -9.53 19.66 17.76
N PRO B 249 -9.77 19.06 16.59
CA PRO B 249 -9.24 19.66 15.36
C PRO B 249 -9.64 21.12 15.20
N LEU B 250 -10.85 21.48 15.63
CA LEU B 250 -11.36 22.82 15.38
C LEU B 250 -10.62 23.87 16.18
N SER B 251 -10.08 23.51 17.34
CA SER B 251 -9.33 24.44 18.19
C SER B 251 -8.31 23.66 18.98
N PRO B 252 -7.28 23.16 18.32
CA PRO B 252 -6.33 22.28 19.01
C PRO B 252 -5.48 23.01 20.03
N ASP B 253 -5.28 22.36 21.17
CA ASP B 253 -4.43 22.88 22.24
C ASP B 253 -3.00 22.44 21.96
N LEU B 254 -2.25 23.30 21.26
CA LEU B 254 -0.89 22.96 20.86
C LEU B 254 0.09 23.03 22.02
N ALA B 255 -0.25 23.74 23.10
CA ALA B 255 0.58 23.72 24.30
C ALA B 255 0.51 22.35 24.98
N LYS B 256 -0.71 21.83 25.13
CA LYS B 256 -0.94 20.52 25.72
C LYS B 256 -0.60 19.39 24.76
N TYR B 257 -0.54 19.67 23.46
CA TYR B 257 -0.36 18.65 22.43
C TYR B 257 0.61 19.19 21.38
N PRO B 258 1.87 19.35 21.76
CA PRO B 258 2.85 19.86 20.78
C PRO B 258 2.96 18.97 19.54
N GLU B 259 2.86 17.66 19.70
CA GLU B 259 3.06 16.78 18.55
C GLU B 259 2.06 17.07 17.44
N TYR B 260 0.84 17.50 17.78
CA TYR B 260 -0.17 17.82 16.78
C TYR B 260 0.25 18.97 15.88
N ALA B 261 1.28 19.73 16.25
CA ALA B 261 1.82 20.77 15.37
C ALA B 261 2.37 20.16 14.08
N ARG B 262 2.90 18.93 14.16
CA ARG B 262 3.46 18.26 13.00
C ARG B 262 2.38 17.66 12.10
N ALA B 263 1.17 17.49 12.60
CA ALA B 263 0.08 16.97 11.79
C ALA B 263 -0.35 18.00 10.76
N LYS B 264 -0.95 17.52 9.67
CA LYS B 264 -1.37 18.34 8.55
C LYS B 264 -2.79 17.99 8.15
N PRO B 265 -3.78 18.43 8.94
CA PRO B 265 -5.17 18.11 8.59
C PRO B 265 -5.56 18.67 7.23
N LEU B 266 -6.46 17.95 6.57
CA LEU B 266 -7.06 18.38 5.32
C LEU B 266 -8.53 18.70 5.55
N LYS B 267 -9.00 19.79 4.97
CA LYS B 267 -10.38 20.22 5.13
C LYS B 267 -11.11 20.04 3.80
N VAL B 268 -12.26 19.37 3.81
CA VAL B 268 -13.04 19.28 2.59
C VAL B 268 -14.52 19.35 2.92
N ARG B 269 -15.25 20.16 2.15
CA ARG B 269 -16.70 20.27 2.25
C ARG B 269 -17.33 19.46 1.12
N VAL B 270 -18.29 18.63 1.49
CA VAL B 270 -18.96 17.70 0.58
C VAL B 270 -20.40 18.18 0.44
N HIS B 271 -20.76 18.63 -0.76
CA HIS B 271 -22.07 19.19 -1.02
C HIS B 271 -23.03 18.12 -1.54
N ALA B 272 -24.30 18.50 -1.68
CA ALA B 272 -25.33 17.56 -2.12
C ALA B 272 -25.04 17.10 -3.55
N GLY B 273 -25.03 15.79 -3.75
CA GLY B 273 -24.64 15.21 -4.99
C GLY B 273 -23.17 14.89 -5.11
N ASP B 274 -22.35 15.43 -4.22
CA ASP B 274 -20.94 15.07 -4.20
C ASP B 274 -20.75 13.67 -3.61
N ILE B 275 -19.60 13.09 -3.93
CA ILE B 275 -19.19 11.81 -3.35
C ILE B 275 -17.81 11.98 -2.76
N LEU B 276 -17.63 11.61 -1.50
CA LEU B 276 -16.31 11.59 -0.88
C LEU B 276 -15.90 10.15 -0.64
N TYR B 277 -14.68 9.80 -1.06
CA TYR B 277 -14.08 8.52 -0.75
C TYR B 277 -13.14 8.72 0.43
N LEU B 278 -13.50 8.14 1.57
CA LEU B 278 -12.67 8.17 2.78
C LEU B 278 -12.01 6.82 2.93
N PRO B 279 -10.72 6.69 2.61
CA PRO B 279 -10.08 5.37 2.68
C PRO B 279 -9.93 4.89 4.11
N ASN B 280 -9.75 3.58 4.22
CA ASN B 280 -9.75 2.95 5.52
C ASN B 280 -8.65 3.51 6.42
N TYR B 281 -9.00 3.69 7.70
CA TYR B 281 -8.10 4.10 8.77
C TYR B 281 -7.65 5.55 8.65
N TRP B 282 -8.30 6.36 7.80
CA TRP B 282 -8.05 7.80 7.80
C TRP B 282 -8.79 8.42 8.98
N PHE B 283 -8.07 9.20 9.79
CA PHE B 283 -8.75 9.97 10.83
C PHE B 283 -9.71 10.95 10.19
N HIS B 284 -10.94 11.00 10.72
CA HIS B 284 -11.90 11.99 10.24
C HIS B 284 -12.71 12.56 11.39
N HIS B 285 -13.02 13.86 11.26
CA HIS B 285 -13.84 14.64 12.17
C HIS B 285 -14.87 15.32 11.31
N VAL B 286 -16.15 15.22 11.68
CA VAL B 286 -17.22 15.65 10.80
C VAL B 286 -18.09 16.69 11.50
N SER B 287 -18.29 17.82 10.82
CA SER B 287 -19.32 18.80 11.11
C SER B 287 -20.35 18.76 10.00
N GLN B 288 -21.47 19.46 10.21
CA GLN B 288 -22.40 19.56 9.07
C GLN B 288 -23.37 20.74 9.24
N SER B 289 -24.15 20.93 8.19
CA SER B 289 -25.20 21.93 8.11
C SER B 289 -26.49 21.43 8.75
N HIS B 290 -27.32 22.37 9.20
CA HIS B 290 -28.50 21.99 9.94
C HIS B 290 -29.43 21.17 9.05
N LYS B 291 -29.89 20.04 9.59
CA LYS B 291 -30.80 19.12 8.88
C LYS B 291 -30.15 18.48 7.66
N CYS B 292 -28.83 18.30 7.68
CA CYS B 292 -28.15 17.63 6.59
C CYS B 292 -28.57 16.16 6.53
N ILE B 293 -28.74 15.66 5.30
CA ILE B 293 -29.03 14.25 5.06
C ILE B 293 -27.88 13.66 4.27
N ALA B 294 -27.48 12.44 4.62
CA ALA B 294 -26.38 11.78 3.92
C ALA B 294 -26.55 10.28 4.04
N VAL B 295 -26.00 9.57 3.07
CA VAL B 295 -25.90 8.12 3.15
C VAL B 295 -24.46 7.73 2.82
N ASN B 296 -23.91 6.81 3.58
CA ASN B 296 -22.60 6.28 3.25
C ASN B 296 -22.66 4.76 3.18
N PHE B 297 -21.62 4.21 2.56
CA PHE B 297 -21.50 2.78 2.31
C PHE B 297 -20.14 2.34 2.84
N TRP B 298 -20.17 1.38 3.75
CA TRP B 298 -18.99 0.85 4.40
C TRP B 298 -18.67 -0.51 3.83
N TYR B 299 -17.42 -0.68 3.40
CA TYR B 299 -16.89 -1.93 2.87
C TYR B 299 -15.72 -2.40 3.73
N ASP B 300 -15.79 -3.66 4.18
CA ASP B 300 -14.67 -4.23 4.91
C ASP B 300 -13.40 -4.16 4.08
N LEU B 301 -12.30 -3.80 4.73
CA LEU B 301 -11.04 -3.61 4.02
C LEU B 301 -10.38 -4.94 3.70
N ASP B 302 -9.58 -4.93 2.64
CA ASP B 302 -8.69 -6.04 2.30
C ASP B 302 -7.31 -5.73 2.85
N TYR B 303 -6.74 -6.68 3.58
CA TYR B 303 -5.49 -6.42 4.27
C TYR B 303 -4.30 -6.58 3.34
N ASP B 304 -3.33 -5.69 3.51
CA ASP B 304 -2.06 -5.74 2.81
C ASP B 304 -0.99 -5.33 3.82
N SER B 305 0.19 -4.96 3.34
CA SER B 305 1.26 -4.59 4.25
C SER B 305 0.98 -3.29 4.99
N ARG B 306 0.24 -2.37 4.37
CA ARG B 306 -0.09 -1.11 5.03
C ARG B 306 -0.73 -1.36 6.39
N TYR B 307 -1.62 -2.34 6.47
CA TYR B 307 -2.31 -2.62 7.73
C TYR B 307 -1.34 -3.12 8.79
N CYS B 308 -0.40 -3.99 8.40
CA CYS B 308 0.60 -4.47 9.34
C CYS B 308 1.53 -3.36 9.78
N TYR B 309 1.86 -2.45 8.86
CA TYR B 309 2.65 -1.28 9.22
C TYR B 309 1.92 -0.39 10.21
N TYR B 310 0.62 -0.21 10.01
CA TYR B 310 -0.16 0.62 10.92
C TYR B 310 -0.28 -0.03 12.29
N ARG B 311 -0.44 -1.35 12.35
CA ARG B 311 -0.42 -2.02 13.64
C ARG B 311 0.92 -1.83 14.34
N MET B 312 2.02 -1.94 13.58
CA MET B 312 3.34 -1.62 14.12
C MET B 312 3.40 -0.19 14.64
N LEU B 313 2.84 0.74 13.87
CA LEU B 313 2.80 2.15 14.28
C LEU B 313 2.04 2.31 15.58
N GLU B 314 0.88 1.64 15.70
CA GLU B 314 0.10 1.71 16.92
C GLU B 314 0.90 1.21 18.12
N GLN B 315 1.71 0.15 17.92
CA GLN B 315 2.56 -0.34 19.00
C GLN B 315 3.67 0.66 19.33
N MET B 316 4.18 1.39 18.34
CA MET B 316 5.25 2.34 18.60
C MET B 316 4.76 3.63 19.26
N THR B 317 3.46 3.92 19.17
CA THR B 317 2.88 5.12 19.76
C THR B 317 2.11 4.67 21.01
N SER B 318 2.86 4.42 22.08
CA SER B 318 2.30 3.92 23.34
C SER B 318 1.51 5.00 24.04
#